data_9VD2
#
_entry.id   9VD2
#
_cell.length_a   126.642
_cell.length_b   76.41
_cell.length_c   48.222
_cell.angle_alpha   90
_cell.angle_beta   105.44
_cell.angle_gamma   90
#
_symmetry.space_group_name_H-M   'C 1 2 1'
#
loop_
_entity.id
_entity.type
_entity.pdbx_description
1 polymer 'Kelch-like ECH-associated protein 1'
2 non-polymer '4-[3-[2,6-dichloro-4-(6-methoxy-2-azaspiro[3.3]heptan-2-yl)benzoyl]-2,4-dihydro-1,3-benzoxazin-8-yl]-5-fluoro-2-(3-oxa-8-azabicyclo[3.2.1]octan-8-yl)benzoic acid'
3 non-polymer 'ACETATE ION'
4 non-polymer 'DIMETHYL SULFOXIDE'
5 water water
#
_entity_poly.entity_id   1
_entity_poly.type   'polypeptide(L)'
_entity_poly.pdbx_seq_one_letter_code
;GSHMAPKVGRLIYTAGGYFRQSLSYLEAYNPSDGTWLRLADLQVPRSGLAGCVVGGLLYAVGGRNNSPDGNTDSSALDCY
NPMTNQWSPCAPMSVPRNRIGVGVIDGHIYAVGGSHGCIHHNSVERYEPERDEWHLVAPMLTRRIGVGVAVLNRLLYAVG
GFDGTNRLNSAECYYPERNEWRMITAMNTIRSGAGVCVLHNCIYAAGGYDGQDQLNSVERYDVATATWTFVAPMKHRRSA
LGITVHQGRIYVLGGYDGHTFLDSVECYDPDTDTWSEVTRMTSGRSGVGVAVT
;
_entity_poly.pdbx_strand_id   A
#
loop_
_chem_comp.id
_chem_comp.type
_chem_comp.name
_chem_comp.formula
A1L99 non-polymer '4-[3-[2,6-dichloro-4-(6-methoxy-2-azaspiro[3.3]heptan-2-yl)benzoyl]-2,4-dihydro-1,3-benzoxazin-8-yl]-5-fluoro-2-(3-oxa-8-azabicyclo[3.2.1]octan-8-yl)benzoic acid' 'C35 H34 Cl2 F N3 O6'
ACT non-polymer 'ACETATE ION' 'C2 H3 O2 -1'
DMS non-polymer 'DIMETHYL SULFOXIDE' 'C2 H6 O S'
#
# COMPACT_ATOMS: atom_id res chain seq x y z
N GLY A 9 -16.75 15.96 -1.80
CA GLY A 9 -15.94 15.61 -0.64
C GLY A 9 -15.47 14.16 -0.71
N ARG A 10 -14.25 13.92 -0.26
CA ARG A 10 -13.70 12.55 -0.29
C ARG A 10 -13.18 12.18 1.07
N LEU A 11 -13.21 10.88 1.40
CA LEU A 11 -12.70 10.40 2.67
C LEU A 11 -11.49 9.48 2.47
N ILE A 12 -10.70 9.32 3.55
CA ILE A 12 -9.57 8.40 3.57
C ILE A 12 -10.03 7.13 4.27
N TYR A 13 -10.14 6.04 3.53
CA TYR A 13 -10.57 4.74 4.05
C TYR A 13 -9.40 3.88 4.48
N THR A 14 -9.52 3.21 5.65
CA THR A 14 -8.48 2.30 6.13
C THR A 14 -9.16 0.96 6.41
N ALA A 15 -8.63 -0.09 5.78
CA ALA A 15 -9.19 -1.42 5.91
C ALA A 15 -8.17 -2.39 6.48
N GLY A 16 -8.66 -3.22 7.40
CA GLY A 16 -7.87 -4.27 8.01
C GLY A 16 -6.77 -3.79 8.92
N GLY A 17 -5.71 -4.57 8.99
CA GLY A 17 -4.55 -4.23 9.79
C GLY A 17 -4.18 -5.33 10.77
N TYR A 18 -3.30 -4.98 11.71
CA TYR A 18 -2.85 -5.94 12.70
C TYR A 18 -2.59 -5.25 14.02
N PHE A 19 -3.09 -5.87 15.09
CA PHE A 19 -2.77 -5.56 16.49
C PHE A 19 -3.16 -6.79 17.28
N ARG A 20 -2.17 -7.62 17.65
CA ARG A 20 -2.35 -8.91 18.35
C ARG A 20 -2.86 -10.02 17.42
N GLN A 21 -3.66 -9.64 16.43
CA GLN A 21 -4.17 -10.53 15.39
C GLN A 21 -4.60 -9.64 14.20
N SER A 22 -4.86 -10.24 13.04
CA SER A 22 -5.35 -9.49 11.89
C SER A 22 -6.74 -8.91 12.20
N LEU A 23 -7.00 -7.72 11.67
CA LEU A 23 -8.21 -6.97 11.98
C LEU A 23 -9.18 -6.89 10.81
N SER A 24 -10.44 -6.62 11.13
CA SER A 24 -11.47 -6.49 10.10
CA SER A 24 -11.52 -6.51 10.14
C SER A 24 -12.02 -5.08 9.98
N TYR A 25 -11.47 -4.11 10.75
CA TYR A 25 -11.97 -2.74 10.72
C TYR A 25 -11.97 -2.10 9.36
N LEU A 26 -13.02 -1.33 9.08
CA LEU A 26 -13.09 -0.47 7.92
C LEU A 26 -13.56 0.88 8.48
N GLU A 27 -12.69 1.87 8.43
CA GLU A 27 -13.00 3.20 8.95
C GLU A 27 -12.69 4.24 7.93
N ALA A 28 -13.34 5.41 8.02
CA ALA A 28 -13.10 6.48 7.05
C ALA A 28 -12.90 7.80 7.77
N TYR A 29 -11.79 8.45 7.48
CA TYR A 29 -11.40 9.71 8.10
C TYR A 29 -11.75 10.86 7.20
N ASN A 30 -12.28 11.93 7.77
CA ASN A 30 -12.61 13.13 7.01
C ASN A 30 -11.62 14.18 7.42
N PRO A 31 -10.66 14.53 6.56
CA PRO A 31 -9.66 15.55 6.93
C PRO A 31 -10.23 16.95 7.22
N SER A 32 -11.42 17.29 6.68
CA SER A 32 -12.04 18.59 6.89
C SER A 32 -12.49 18.79 8.34
N ASP A 33 -13.16 17.78 8.95
CA ASP A 33 -13.67 17.94 10.32
C ASP A 33 -12.97 17.05 11.38
N GLY A 34 -12.05 16.19 10.94
CA GLY A 34 -11.34 15.30 11.86
C GLY A 34 -12.14 14.10 12.35
N THR A 35 -13.29 13.79 11.73
CA THR A 35 -14.11 12.65 12.19
C THR A 35 -13.73 11.30 11.54
N TRP A 36 -14.05 10.22 12.25
CA TRP A 36 -13.86 8.86 11.78
C TRP A 36 -15.21 8.15 11.78
N LEU A 37 -15.60 7.57 10.64
CA LEU A 37 -16.81 6.78 10.52
C LEU A 37 -16.41 5.31 10.75
N ARG A 38 -17.26 4.53 11.44
CA ARG A 38 -17.00 3.10 11.61
C ARG A 38 -17.91 2.43 10.60
N LEU A 39 -17.32 1.79 9.61
CA LEU A 39 -18.07 1.17 8.51
C LEU A 39 -18.16 -0.36 8.64
N ALA A 40 -18.84 -1.04 7.69
CA ALA A 40 -18.97 -2.49 7.74
C ALA A 40 -17.60 -3.20 7.82
N ASP A 41 -17.42 -4.11 8.79
CA ASP A 41 -16.18 -4.86 8.89
C ASP A 41 -15.94 -5.69 7.63
N LEU A 42 -14.65 -6.00 7.33
CA LEU A 42 -14.30 -6.96 6.27
C LEU A 42 -14.89 -8.33 6.70
N GLN A 43 -15.31 -9.16 5.75
CA GLN A 43 -15.81 -10.49 6.06
C GLN A 43 -14.69 -11.36 6.65
N VAL A 44 -13.43 -11.18 6.21
CA VAL A 44 -12.31 -11.95 6.75
C VAL A 44 -11.27 -10.96 7.28
N PRO A 45 -10.80 -11.11 8.53
CA PRO A 45 -9.76 -10.19 9.02
C PRO A 45 -8.49 -10.31 8.20
N ARG A 46 -7.80 -9.18 7.91
CA ARG A 46 -6.57 -9.25 7.12
C ARG A 46 -5.62 -8.14 7.44
N SER A 47 -4.34 -8.48 7.45
CA SER A 47 -3.24 -7.51 7.53
C SER A 47 -2.38 -7.74 6.29
N GLY A 48 -1.53 -6.79 5.93
CA GLY A 48 -0.66 -6.95 4.77
C GLY A 48 -1.38 -6.91 3.44
N LEU A 49 -2.62 -6.43 3.44
CA LEU A 49 -3.44 -6.25 2.24
C LEU A 49 -3.13 -4.85 1.66
N ALA A 50 -3.63 -4.56 0.48
CA ALA A 50 -3.52 -3.23 -0.10
C ALA A 50 -4.92 -2.78 -0.48
N GLY A 51 -5.11 -1.48 -0.51
CA GLY A 51 -6.40 -0.92 -0.92
C GLY A 51 -6.27 -0.10 -2.18
N CYS A 52 -7.38 0.05 -2.90
CA CYS A 52 -7.41 0.90 -4.09
C CYS A 52 -8.86 1.23 -4.43
N VAL A 53 -9.08 2.21 -5.31
CA VAL A 53 -10.44 2.60 -5.68
CA VAL A 53 -10.44 2.60 -5.69
C VAL A 53 -10.59 2.58 -7.20
N VAL A 54 -11.72 2.05 -7.70
CA VAL A 54 -12.03 2.09 -9.13
C VAL A 54 -13.52 2.39 -9.20
N GLY A 55 -13.90 3.47 -9.89
CA GLY A 55 -15.30 3.85 -10.11
C GLY A 55 -16.08 4.07 -8.85
N GLY A 56 -15.43 4.72 -7.87
CA GLY A 56 -16.03 5.00 -6.56
C GLY A 56 -16.14 3.79 -5.65
N LEU A 57 -15.66 2.60 -6.09
CA LEU A 57 -15.72 1.40 -5.24
C LEU A 57 -14.34 1.13 -4.62
N LEU A 58 -14.28 0.77 -3.33
CA LEU A 58 -13.04 0.45 -2.65
C LEU A 58 -12.75 -1.07 -2.77
N TYR A 59 -11.52 -1.44 -3.08
CA TYR A 59 -11.12 -2.84 -3.15
C TYR A 59 -10.06 -3.18 -2.08
N ALA A 60 -10.26 -4.31 -1.36
CA ALA A 60 -9.28 -4.82 -0.38
C ALA A 60 -8.65 -6.02 -1.09
N VAL A 61 -7.33 -6.00 -1.27
CA VAL A 61 -6.65 -7.00 -2.09
C VAL A 61 -5.61 -7.76 -1.29
N GLY A 62 -5.68 -9.08 -1.34
CA GLY A 62 -4.71 -9.94 -0.69
C GLY A 62 -4.62 -9.80 0.82
N GLY A 63 -3.42 -10.02 1.35
CA GLY A 63 -3.19 -9.96 2.77
C GLY A 63 -3.03 -11.33 3.42
N ARG A 64 -3.27 -11.40 4.71
CA ARG A 64 -3.14 -12.62 5.51
C ARG A 64 -3.99 -12.47 6.75
N ASN A 65 -4.61 -13.57 7.17
CA ASN A 65 -5.36 -13.58 8.43
C ASN A 65 -4.50 -14.32 9.48
N ASN A 66 -3.84 -13.55 10.36
CA ASN A 66 -3.06 -14.06 11.47
C ASN A 66 -4.07 -14.11 12.61
N SER A 67 -4.49 -15.30 13.02
CA SER A 67 -5.47 -15.45 14.09
C SER A 67 -4.95 -16.43 15.16
N PRO A 68 -5.55 -16.51 16.37
CA PRO A 68 -5.07 -17.50 17.36
C PRO A 68 -5.17 -18.95 16.88
N ASP A 69 -6.09 -19.24 15.93
CA ASP A 69 -6.30 -20.58 15.35
C ASP A 69 -5.47 -20.88 14.08
N GLY A 70 -4.55 -19.98 13.68
CA GLY A 70 -3.74 -20.23 12.50
C GLY A 70 -3.47 -19.00 11.65
N ASN A 71 -2.57 -19.12 10.68
CA ASN A 71 -2.19 -18.02 9.80
C ASN A 71 -2.39 -18.43 8.35
N THR A 72 -3.22 -17.67 7.60
CA THR A 72 -3.55 -18.01 6.23
C THR A 72 -3.40 -16.80 5.29
N ASP A 73 -2.53 -16.91 4.28
CA ASP A 73 -2.41 -15.86 3.28
C ASP A 73 -3.65 -15.84 2.40
N SER A 74 -4.00 -14.65 1.94
CA SER A 74 -5.22 -14.42 1.21
C SER A 74 -4.99 -14.13 -0.28
N SER A 75 -5.75 -14.81 -1.12
CA SER A 75 -5.80 -14.52 -2.56
C SER A 75 -7.07 -13.69 -2.86
N ALA A 76 -7.77 -13.20 -1.83
CA ALA A 76 -9.05 -12.56 -2.01
C ALA A 76 -9.00 -11.13 -2.54
N LEU A 77 -10.05 -10.81 -3.27
CA LEU A 77 -10.35 -9.48 -3.74
C LEU A 77 -11.78 -9.22 -3.25
N ASP A 78 -11.97 -8.18 -2.43
CA ASP A 78 -13.31 -7.83 -1.94
C ASP A 78 -13.60 -6.39 -2.28
N CYS A 79 -14.86 -6.13 -2.59
CA CYS A 79 -15.27 -4.82 -3.05
C CYS A 79 -16.24 -4.19 -2.09
N TYR A 80 -15.96 -2.96 -1.67
CA TYR A 80 -16.84 -2.25 -0.76
C TYR A 80 -17.47 -1.05 -1.50
N ASN A 81 -18.80 -0.91 -1.40
CA ASN A 81 -19.49 0.23 -1.99
C ASN A 81 -19.87 1.22 -0.86
N PRO A 82 -19.28 2.41 -0.85
CA PRO A 82 -19.64 3.40 0.19
C PRO A 82 -21.12 3.76 0.23
N MET A 83 -21.81 3.70 -0.93
CA MET A 83 -23.24 3.98 -1.00
C MET A 83 -24.08 2.92 -0.31
N THR A 84 -23.63 1.66 -0.28
CA THR A 84 -24.41 0.59 0.31
C THR A 84 -23.90 0.09 1.65
N ASN A 85 -22.68 0.49 2.03
CA ASN A 85 -22.02 0.00 3.23
C ASN A 85 -21.87 -1.54 3.25
N GLN A 86 -21.73 -2.13 2.06
CA GLN A 86 -21.64 -3.59 1.97
C GLN A 86 -20.33 -4.01 1.24
N TRP A 87 -19.71 -5.10 1.71
CA TRP A 87 -18.57 -5.77 1.08
C TRP A 87 -19.16 -6.93 0.24
N SER A 88 -18.61 -7.15 -0.94
CA SER A 88 -19.01 -8.23 -1.83
C SER A 88 -17.72 -8.91 -2.29
N PRO A 89 -17.68 -10.25 -2.29
CA PRO A 89 -16.50 -10.93 -2.83
C PRO A 89 -16.40 -10.77 -4.35
N CYS A 90 -15.19 -10.68 -4.82
CA CYS A 90 -14.86 -10.60 -6.24
C CYS A 90 -14.07 -11.85 -6.62
N ALA A 91 -13.72 -12.02 -7.91
CA ALA A 91 -12.90 -13.14 -8.34
C ALA A 91 -11.55 -13.13 -7.58
N PRO A 92 -11.08 -14.28 -7.07
CA PRO A 92 -9.80 -14.27 -6.36
C PRO A 92 -8.61 -14.24 -7.33
N MET A 93 -7.44 -13.88 -6.81
CA MET A 93 -6.22 -13.85 -7.61
C MET A 93 -5.75 -15.31 -7.83
N SER A 94 -4.79 -15.47 -8.76
CA SER A 94 -4.21 -16.77 -9.07
C SER A 94 -3.51 -17.38 -7.84
N VAL A 95 -2.93 -16.53 -6.97
CA VAL A 95 -2.20 -17.01 -5.80
C VAL A 95 -2.47 -16.08 -4.61
N PRO A 96 -2.28 -16.59 -3.37
CA PRO A 96 -2.39 -15.68 -2.20
C PRO A 96 -1.22 -14.69 -2.24
N ARG A 97 -1.44 -13.44 -1.79
CA ARG A 97 -0.38 -12.43 -1.81
C ARG A 97 -0.49 -11.59 -0.57
N ASN A 98 0.31 -11.92 0.43
CA ASN A 98 0.39 -11.16 1.67
C ASN A 98 1.54 -10.16 1.51
N ARG A 99 1.43 -8.99 2.14
CA ARG A 99 2.44 -7.92 2.00
C ARG A 99 2.55 -7.49 0.54
N ILE A 100 1.37 -7.34 -0.09
CA ILE A 100 1.22 -7.03 -1.50
C ILE A 100 1.29 -5.51 -1.74
N GLY A 101 1.55 -5.16 -2.99
CA GLY A 101 1.48 -3.79 -3.47
C GLY A 101 0.41 -3.77 -4.56
N VAL A 102 -0.33 -2.66 -4.69
CA VAL A 102 -1.37 -2.56 -5.71
C VAL A 102 -1.28 -1.18 -6.38
N GLY A 103 -1.59 -1.13 -7.67
CA GLY A 103 -1.71 0.12 -8.44
C GLY A 103 -2.85 0.03 -9.44
N VAL A 104 -3.45 1.17 -9.85
CA VAL A 104 -4.58 1.16 -10.78
C VAL A 104 -4.19 1.91 -12.05
N ILE A 105 -4.43 1.32 -13.22
CA ILE A 105 -4.22 2.02 -14.48
C ILE A 105 -5.49 1.84 -15.31
N ASP A 106 -6.13 2.94 -15.73
CA ASP A 106 -7.34 2.88 -16.56
C ASP A 106 -8.44 1.98 -15.95
N GLY A 107 -8.64 2.08 -14.63
CA GLY A 107 -9.66 1.33 -13.94
C GLY A 107 -9.39 -0.16 -13.81
N HIS A 108 -8.10 -0.56 -14.01
CA HIS A 108 -7.65 -1.94 -13.86
C HIS A 108 -6.70 -2.07 -12.69
N ILE A 109 -6.93 -3.08 -11.87
CA ILE A 109 -6.13 -3.26 -10.66
C ILE A 109 -4.94 -4.19 -10.86
N TYR A 110 -3.74 -3.72 -10.60
CA TYR A 110 -2.54 -4.56 -10.68
C TYR A 110 -2.18 -5.05 -9.27
N ALA A 111 -2.10 -6.36 -9.07
CA ALA A 111 -1.68 -6.96 -7.80
C ALA A 111 -0.23 -7.36 -8.03
N VAL A 112 0.67 -6.74 -7.26
CA VAL A 112 2.09 -6.89 -7.42
C VAL A 112 2.78 -7.64 -6.28
N GLY A 113 3.53 -8.68 -6.63
CA GLY A 113 4.35 -9.40 -5.67
C GLY A 113 3.61 -9.95 -4.48
N GLY A 114 4.21 -9.78 -3.31
CA GLY A 114 3.65 -10.33 -2.08
C GLY A 114 4.06 -11.79 -1.88
N SER A 115 3.69 -12.39 -0.74
CA SER A 115 4.10 -13.74 -0.40
C SER A 115 2.95 -14.70 -0.18
N HIS A 116 3.26 -15.99 -0.32
CA HIS A 116 2.37 -17.08 0.02
C HIS A 116 3.29 -18.05 0.77
N GLY A 117 3.27 -18.01 2.10
CA GLY A 117 4.19 -18.82 2.90
C GLY A 117 5.61 -18.35 2.66
N CYS A 118 6.50 -19.27 2.25
CA CYS A 118 7.88 -18.90 1.94
C CYS A 118 8.11 -18.52 0.48
N ILE A 119 7.04 -18.53 -0.34
CA ILE A 119 7.15 -18.12 -1.73
C ILE A 119 7.07 -16.60 -1.78
N HIS A 120 8.05 -15.94 -2.39
CA HIS A 120 8.12 -14.49 -2.58
C HIS A 120 7.86 -14.28 -4.05
N HIS A 121 6.65 -13.78 -4.40
CA HIS A 121 6.29 -13.62 -5.79
CA HIS A 121 6.30 -13.63 -5.80
C HIS A 121 7.03 -12.50 -6.51
N ASN A 122 7.39 -12.75 -7.76
CA ASN A 122 7.82 -11.77 -8.74
C ASN A 122 6.59 -11.64 -9.74
N SER A 123 5.58 -12.55 -9.66
CA SER A 123 4.43 -12.49 -10.52
C SER A 123 3.54 -11.27 -10.23
N VAL A 124 2.84 -10.82 -11.26
CA VAL A 124 1.93 -9.68 -11.24
C VAL A 124 0.70 -10.05 -12.03
N GLU A 125 -0.46 -9.67 -11.53
CA GLU A 125 -1.71 -9.94 -12.22
C GLU A 125 -2.61 -8.73 -12.23
N ARG A 126 -3.53 -8.68 -13.20
CA ARG A 126 -4.35 -7.51 -13.41
C ARG A 126 -5.82 -7.86 -13.44
N TYR A 127 -6.61 -7.13 -12.68
CA TYR A 127 -8.04 -7.37 -12.56
C TYR A 127 -8.84 -6.37 -13.40
N GLU A 128 -9.88 -6.86 -14.08
CA GLU A 128 -10.81 -6.00 -14.79
C GLU A 128 -12.16 -6.02 -14.05
N PRO A 129 -12.55 -4.92 -13.38
CA PRO A 129 -13.89 -4.88 -12.73
C PRO A 129 -15.04 -5.05 -13.72
N GLU A 130 -14.84 -4.61 -14.96
CA GLU A 130 -15.88 -4.73 -15.98
C GLU A 130 -16.20 -6.19 -16.35
N ARG A 131 -15.28 -7.12 -16.09
CA ARG A 131 -15.48 -8.55 -16.39
C ARG A 131 -15.38 -9.46 -15.14
N ASP A 132 -14.95 -8.92 -13.99
CA ASP A 132 -14.70 -9.69 -12.77
C ASP A 132 -13.71 -10.84 -13.04
N GLU A 133 -12.58 -10.52 -13.70
CA GLU A 133 -11.57 -11.51 -14.04
C GLU A 133 -10.18 -10.99 -13.78
N TRP A 134 -9.27 -11.89 -13.36
CA TRP A 134 -7.85 -11.58 -13.18
C TRP A 134 -7.09 -12.33 -14.29
N HIS A 135 -5.96 -11.75 -14.74
CA HIS A 135 -5.06 -12.38 -15.69
C HIS A 135 -3.63 -11.97 -15.34
N LEU A 136 -2.71 -12.93 -15.41
CA LEU A 136 -1.32 -12.61 -15.17
C LEU A 136 -0.77 -11.71 -16.27
N VAL A 137 0.15 -10.81 -15.92
CA VAL A 137 0.86 -10.02 -16.92
C VAL A 137 2.34 -10.46 -16.80
N ALA A 138 3.30 -9.82 -17.52
CA ALA A 138 4.71 -10.16 -17.38
C ALA A 138 5.15 -10.05 -15.91
N PRO A 139 5.95 -11.02 -15.43
CA PRO A 139 6.45 -10.91 -14.05
C PRO A 139 7.56 -9.88 -13.91
N MET A 140 7.70 -9.37 -12.69
CA MET A 140 8.77 -8.44 -12.38
C MET A 140 10.16 -9.12 -12.53
N LEU A 141 11.18 -8.31 -12.62
CA LEU A 141 12.56 -8.76 -12.68
C LEU A 141 13.04 -9.23 -11.30
N THR A 142 12.37 -8.79 -10.22
CA THR A 142 12.76 -9.10 -8.86
C THR A 142 11.54 -9.60 -8.08
N ARG A 143 11.72 -10.62 -7.21
CA ARG A 143 10.65 -11.03 -6.30
C ARG A 143 10.53 -9.90 -5.27
N ARG A 144 9.30 -9.45 -4.97
CA ARG A 144 9.16 -8.35 -4.00
C ARG A 144 7.96 -8.53 -3.08
N ILE A 145 8.20 -8.59 -1.78
CA ILE A 145 7.12 -8.60 -0.78
C ILE A 145 7.37 -7.31 0.02
N GLY A 146 6.35 -6.75 0.69
CA GLY A 146 6.50 -5.45 1.36
C GLY A 146 6.86 -4.37 0.34
N VAL A 147 6.36 -4.54 -0.90
CA VAL A 147 6.66 -3.66 -2.01
C VAL A 147 5.71 -2.44 -2.05
N GLY A 148 6.26 -1.29 -2.42
CA GLY A 148 5.45 -0.11 -2.64
C GLY A 148 5.13 -0.01 -4.13
N VAL A 149 3.91 0.42 -4.48
CA VAL A 149 3.50 0.54 -5.89
C VAL A 149 3.02 1.97 -6.21
N ALA A 150 3.43 2.50 -7.35
CA ALA A 150 3.07 3.85 -7.75
C ALA A 150 2.68 3.85 -9.24
N VAL A 151 1.66 4.62 -9.62
CA VAL A 151 1.27 4.71 -11.03
C VAL A 151 1.56 6.14 -11.45
N LEU A 152 2.37 6.31 -12.48
CA LEU A 152 2.76 7.64 -12.94
C LEU A 152 3.03 7.56 -14.46
N ASN A 153 2.43 8.47 -15.26
CA ASN A 153 2.60 8.49 -16.72
C ASN A 153 2.20 7.16 -17.39
N ARG A 154 1.12 6.56 -16.89
CA ARG A 154 0.62 5.28 -17.37
C ARG A 154 1.64 4.14 -17.28
N LEU A 155 2.55 4.22 -16.36
CA LEU A 155 3.52 3.18 -16.06
C LEU A 155 3.27 2.72 -14.61
N LEU A 156 3.58 1.47 -14.31
CA LEU A 156 3.42 0.97 -12.95
C LEU A 156 4.82 0.77 -12.34
N TYR A 157 5.11 1.41 -11.21
CA TYR A 157 6.40 1.28 -10.53
C TYR A 157 6.30 0.37 -9.30
N ALA A 158 7.26 -0.53 -9.13
CA ALA A 158 7.37 -1.43 -7.97
C ALA A 158 8.67 -0.99 -7.27
N VAL A 159 8.55 -0.52 -6.03
CA VAL A 159 9.63 0.11 -5.28
C VAL A 159 9.96 -0.64 -3.97
N GLY A 160 11.25 -0.93 -3.76
CA GLY A 160 11.73 -1.59 -2.54
C GLY A 160 11.16 -2.96 -2.29
N GLY A 161 11.06 -3.33 -1.01
CA GLY A 161 10.56 -4.63 -0.63
C GLY A 161 11.66 -5.56 -0.12
N PHE A 162 11.36 -6.86 -0.19
CA PHE A 162 12.21 -7.95 0.27
C PHE A 162 12.07 -9.08 -0.73
N ASP A 163 13.19 -9.57 -1.27
CA ASP A 163 13.14 -10.58 -2.35
C ASP A 163 13.19 -12.03 -1.87
N GLY A 164 13.12 -12.25 -0.57
CA GLY A 164 13.25 -13.58 0.00
C GLY A 164 14.60 -13.81 0.65
N THR A 165 15.61 -12.98 0.29
CA THR A 165 16.97 -13.03 0.85
C THR A 165 17.37 -11.63 1.35
N ASN A 166 17.20 -10.58 0.51
CA ASN A 166 17.58 -9.23 0.90
C ASN A 166 16.46 -8.21 0.86
N ARG A 167 16.56 -7.22 1.75
CA ARG A 167 15.69 -6.04 1.71
C ARG A 167 16.25 -5.21 0.55
N LEU A 168 15.39 -4.49 -0.15
CA LEU A 168 15.72 -3.85 -1.39
C LEU A 168 15.68 -2.36 -1.44
N ASN A 169 16.68 -1.74 -2.09
CA ASN A 169 16.57 -0.32 -2.44
C ASN A 169 16.22 -0.19 -3.95
N SER A 170 16.20 -1.29 -4.71
CA SER A 170 15.92 -1.25 -6.15
C SER A 170 14.46 -0.90 -6.45
N ALA A 171 14.21 -0.47 -7.69
CA ALA A 171 12.86 -0.16 -8.14
C ALA A 171 12.80 -0.49 -9.62
N GLU A 172 11.60 -0.85 -10.07
CA GLU A 172 11.42 -1.20 -11.48
C GLU A 172 10.09 -0.68 -11.98
N CYS A 173 9.95 -0.58 -13.29
CA CYS A 173 8.79 0.00 -13.91
CA CYS A 173 8.70 -0.07 -13.86
C CYS A 173 8.17 -0.93 -14.97
N TYR A 174 6.86 -1.03 -15.03
CA TYR A 174 6.12 -1.84 -15.98
C TYR A 174 5.52 -0.95 -17.05
N TYR A 175 5.66 -1.40 -18.30
CA TYR A 175 5.16 -0.70 -19.49
C TYR A 175 3.96 -1.49 -19.98
N PRO A 176 2.72 -1.04 -19.70
CA PRO A 176 1.54 -1.84 -20.11
C PRO A 176 1.39 -2.11 -21.61
N GLU A 177 1.70 -1.15 -22.47
CA GLU A 177 1.57 -1.37 -23.93
C GLU A 177 2.51 -2.43 -24.40
N ARG A 178 3.73 -2.44 -23.88
CA ARG A 178 4.77 -3.43 -24.25
C ARG A 178 4.71 -4.70 -23.44
N ASN A 179 4.00 -4.69 -22.28
CA ASN A 179 3.95 -5.82 -21.34
C ASN A 179 5.39 -6.23 -20.92
N GLU A 180 6.18 -5.29 -20.38
CA GLU A 180 7.55 -5.60 -19.96
C GLU A 180 7.98 -4.69 -18.82
N TRP A 181 8.99 -5.15 -18.06
CA TRP A 181 9.54 -4.43 -16.92
C TRP A 181 10.98 -4.04 -17.19
N ARG A 182 11.40 -2.93 -16.59
CA ARG A 182 12.80 -2.49 -16.68
C ARG A 182 13.18 -1.94 -15.31
N MET A 183 14.42 -2.15 -14.89
CA MET A 183 14.90 -1.58 -13.64
C MET A 183 15.08 -0.06 -13.81
N ILE A 184 14.76 0.71 -12.76
CA ILE A 184 14.96 2.15 -12.78
C ILE A 184 16.08 2.50 -11.75
N THR A 185 16.36 3.80 -11.53
CA THR A 185 17.32 4.24 -10.52
C THR A 185 16.86 3.72 -9.12
N ALA A 186 17.81 3.11 -8.40
CA ALA A 186 17.55 2.62 -7.06
C ALA A 186 17.44 3.77 -6.07
N MET A 187 16.66 3.58 -5.01
CA MET A 187 16.52 4.59 -3.96
C MET A 187 17.85 4.78 -3.21
N ASN A 188 17.96 5.90 -2.49
CA ASN A 188 19.11 6.12 -1.63
C ASN A 188 19.12 5.09 -0.49
N THR A 189 17.93 4.64 -0.04
CA THR A 189 17.83 3.76 1.12
C THR A 189 17.13 2.46 0.83
N ILE A 190 17.55 1.37 1.49
CA ILE A 190 16.88 0.07 1.40
C ILE A 190 15.56 0.26 2.18
N ARG A 191 14.40 -0.06 1.57
CA ARG A 191 13.11 0.12 2.26
C ARG A 191 12.22 -1.09 2.00
N SER A 192 12.00 -1.89 3.02
CA SER A 192 11.08 -3.02 2.98
C SER A 192 9.89 -2.60 3.83
N GLY A 193 8.69 -2.66 3.28
CA GLY A 193 7.50 -2.24 4.03
C GLY A 193 7.33 -0.74 4.13
N ALA A 194 7.81 0.01 3.15
CA ALA A 194 7.63 1.46 3.12
C ALA A 194 6.20 1.80 2.58
N GLY A 195 5.79 3.06 2.71
CA GLY A 195 4.57 3.55 2.10
C GLY A 195 4.99 4.25 0.82
N VAL A 196 4.44 3.85 -0.33
CA VAL A 196 4.80 4.46 -1.62
C VAL A 196 3.53 5.06 -2.28
N CYS A 197 3.62 6.30 -2.77
CA CYS A 197 2.50 6.96 -3.43
C CYS A 197 3.02 7.95 -4.47
N VAL A 198 2.08 8.56 -5.23
CA VAL A 198 2.39 9.58 -6.21
C VAL A 198 1.76 10.91 -5.79
N LEU A 199 2.55 11.97 -5.83
CA LEU A 199 2.05 13.31 -5.57
C LEU A 199 2.76 14.29 -6.53
N HIS A 200 1.97 15.06 -7.31
CA HIS A 200 2.51 16.09 -8.20
C HIS A 200 3.62 15.62 -9.12
N ASN A 201 3.37 14.55 -9.84
CA ASN A 201 4.30 13.98 -10.80
C ASN A 201 5.55 13.33 -10.20
N CYS A 202 5.55 13.06 -8.89
CA CYS A 202 6.69 12.44 -8.23
C CYS A 202 6.27 11.21 -7.44
N ILE A 203 7.17 10.24 -7.33
CA ILE A 203 6.92 9.08 -6.46
C ILE A 203 7.54 9.38 -5.11
N TYR A 204 6.82 9.14 -4.03
CA TYR A 204 7.38 9.28 -2.69
C TYR A 204 7.46 7.89 -2.04
N ALA A 205 8.54 7.64 -1.31
CA ALA A 205 8.75 6.39 -0.56
C ALA A 205 9.02 6.86 0.85
N ALA A 206 8.09 6.58 1.76
CA ALA A 206 8.18 7.01 3.15
C ALA A 206 8.36 5.85 4.12
N GLY A 207 9.32 5.97 5.04
CA GLY A 207 9.52 4.93 6.04
C GLY A 207 9.99 3.59 5.50
N GLY A 208 9.58 2.54 6.15
CA GLY A 208 10.05 1.20 5.82
C GLY A 208 11.23 0.79 6.68
N TYR A 209 11.76 -0.38 6.43
CA TYR A 209 12.82 -0.96 7.23
C TYR A 209 14.06 -1.24 6.33
N ASP A 210 15.24 -0.81 6.77
CA ASP A 210 16.45 -0.98 5.95
C ASP A 210 17.26 -2.24 6.24
N GLY A 211 16.70 -3.16 7.02
CA GLY A 211 17.39 -4.38 7.44
C GLY A 211 17.93 -4.27 8.86
N GLN A 212 18.06 -3.04 9.37
CA GLN A 212 18.57 -2.82 10.72
C GLN A 212 17.66 -1.91 11.51
N ASP A 213 17.21 -0.80 10.88
CA ASP A 213 16.43 0.22 11.55
C ASP A 213 15.11 0.52 10.84
N GLN A 214 14.09 0.90 11.64
CA GLN A 214 12.80 1.39 11.18
C GLN A 214 13.09 2.84 10.76
N LEU A 215 12.56 3.27 9.60
CA LEU A 215 12.91 4.57 9.06
C LEU A 215 11.86 5.64 9.18
N ASN A 216 12.31 6.88 9.45
CA ASN A 216 11.40 8.05 9.35
C ASN A 216 11.74 8.84 8.05
N SER A 217 12.79 8.43 7.33
CA SER A 217 13.20 9.11 6.12
CA SER A 217 13.25 9.05 6.10
C SER A 217 12.19 8.97 5.00
N VAL A 218 12.15 10.00 4.14
CA VAL A 218 11.22 10.06 3.02
C VAL A 218 11.99 10.54 1.82
N GLU A 219 11.87 9.82 0.70
CA GLU A 219 12.55 10.25 -0.53
C GLU A 219 11.59 10.32 -1.70
N ARG A 220 11.93 11.14 -2.67
CA ARG A 220 11.08 11.48 -3.80
C ARG A 220 11.81 11.25 -5.12
N TYR A 221 11.16 10.55 -6.04
CA TYR A 221 11.70 10.26 -7.35
C TYR A 221 11.21 11.27 -8.34
N ASP A 222 12.16 11.90 -9.04
CA ASP A 222 11.80 12.85 -10.09
C ASP A 222 12.06 12.14 -11.41
N VAL A 223 11.00 11.96 -12.19
CA VAL A 223 11.05 11.24 -13.45
C VAL A 223 12.05 11.85 -14.47
N ALA A 224 11.98 13.17 -14.72
CA ALA A 224 12.84 13.81 -15.72
C ALA A 224 14.33 13.68 -15.44
N THR A 225 14.74 13.78 -14.17
CA THR A 225 16.15 13.64 -13.81
C THR A 225 16.53 12.22 -13.39
N ALA A 226 15.54 11.30 -13.24
CA ALA A 226 15.71 9.91 -12.80
C ALA A 226 16.48 9.84 -11.48
N THR A 227 16.16 10.73 -10.52
CA THR A 227 16.85 10.76 -9.24
C THR A 227 15.93 10.69 -8.04
N TRP A 228 16.45 10.12 -6.95
CA TRP A 228 15.74 10.08 -5.68
C TRP A 228 16.39 11.15 -4.79
N THR A 229 15.58 12.03 -4.20
CA THR A 229 16.02 13.09 -3.31
C THR A 229 15.31 12.97 -1.97
N PHE A 230 16.02 13.17 -0.85
CA PHE A 230 15.34 13.15 0.44
C PHE A 230 14.54 14.45 0.63
N VAL A 231 13.37 14.31 1.20
CA VAL A 231 12.54 15.44 1.58
C VAL A 231 12.48 15.40 3.13
N ALA A 232 11.59 16.17 3.75
CA ALA A 232 11.44 16.20 5.20
C ALA A 232 11.07 14.82 5.73
N PRO A 233 11.84 14.34 6.72
CA PRO A 233 11.49 13.05 7.36
C PRO A 233 10.21 13.14 8.22
N MET A 234 9.55 12.00 8.43
CA MET A 234 8.36 11.93 9.29
C MET A 234 8.73 12.13 10.77
N LYS A 235 7.75 12.46 11.62
CA LYS A 235 8.02 12.59 13.05
C LYS A 235 8.30 11.18 13.61
N HIS A 236 7.44 10.20 13.25
CA HIS A 236 7.58 8.85 13.77
C HIS A 236 8.01 7.83 12.76
N ARG A 237 9.18 7.21 12.99
CA ARG A 237 9.70 6.14 12.13
C ARG A 237 8.70 4.97 12.12
N ARG A 238 8.53 4.32 10.94
CA ARG A 238 7.48 3.32 10.84
C ARG A 238 7.61 2.50 9.59
N SER A 239 7.13 1.29 9.68
CA SER A 239 7.06 0.37 8.55
C SER A 239 5.66 -0.21 8.51
N ALA A 240 5.25 -0.82 7.37
CA ALA A 240 3.87 -1.38 7.25
C ALA A 240 2.83 -0.30 7.57
N LEU A 241 3.09 0.91 7.08
CA LEU A 241 2.21 2.05 7.23
C LEU A 241 1.24 2.09 6.05
N GLY A 242 0.06 2.60 6.31
CA GLY A 242 -0.86 2.93 5.24
C GLY A 242 -0.41 4.28 4.65
N ILE A 243 -0.68 4.50 3.36
CA ILE A 243 -0.31 5.76 2.73
C ILE A 243 -1.30 6.12 1.64
N THR A 244 -1.60 7.40 1.51
CA THR A 244 -2.52 7.86 0.46
C THR A 244 -2.29 9.35 0.23
N VAL A 245 -2.95 9.88 -0.78
CA VAL A 245 -2.92 11.28 -1.12
C VAL A 245 -4.33 11.82 -1.06
N HIS A 246 -4.52 12.95 -0.42
CA HIS A 246 -5.84 13.58 -0.33
C HIS A 246 -5.63 15.09 -0.44
N GLN A 247 -6.25 15.72 -1.44
CA GLN A 247 -6.17 17.17 -1.66
C GLN A 247 -4.75 17.74 -1.67
N GLY A 248 -3.89 17.14 -2.47
CA GLY A 248 -2.52 17.63 -2.63
C GLY A 248 -1.57 17.35 -1.48
N ARG A 249 -1.97 16.50 -0.53
CA ARG A 249 -1.11 16.21 0.63
C ARG A 249 -0.99 14.68 0.86
N ILE A 250 0.15 14.21 1.36
CA ILE A 250 0.31 12.78 1.65
C ILE A 250 -0.17 12.51 3.07
N TYR A 251 -0.86 11.40 3.31
CA TYR A 251 -1.22 10.97 4.66
C TYR A 251 -0.61 9.60 4.92
N VAL A 252 0.06 9.42 6.06
CA VAL A 252 0.60 8.13 6.50
C VAL A 252 -0.18 7.70 7.76
N LEU A 253 -0.60 6.43 7.82
CA LEU A 253 -1.49 5.96 8.88
C LEU A 253 -0.90 4.73 9.53
N GLY A 254 -0.70 4.80 10.83
CA GLY A 254 -0.25 3.64 11.57
C GLY A 254 1.11 3.08 11.21
N GLY A 255 1.24 1.80 11.40
CA GLY A 255 2.48 1.11 11.16
C GLY A 255 3.07 0.57 12.44
N TYR A 256 4.26 0.03 12.33
CA TYR A 256 4.98 -0.58 13.43
C TYR A 256 6.39 0.00 13.48
N ASP A 257 6.90 0.36 14.68
CA ASP A 257 8.23 0.98 14.75
C ASP A 257 9.27 0.15 15.54
N GLY A 258 9.02 -1.14 15.71
CA GLY A 258 9.91 -1.99 16.49
C GLY A 258 9.47 -2.13 17.94
N HIS A 259 8.57 -1.26 18.42
CA HIS A 259 8.11 -1.30 19.81
C HIS A 259 6.57 -1.12 19.94
N THR A 260 5.99 -0.23 19.13
CA THR A 260 4.57 0.12 19.21
C THR A 260 3.84 -0.07 17.85
N PHE A 261 2.53 -0.40 17.89
CA PHE A 261 1.65 -0.43 16.72
C PHE A 261 1.04 0.95 16.80
N LEU A 262 1.48 1.82 15.89
CA LEU A 262 1.10 3.21 15.92
CA LEU A 262 1.11 3.23 15.88
C LEU A 262 -0.33 3.54 15.56
N ASP A 263 -0.88 4.53 16.25
CA ASP A 263 -2.19 5.06 15.88
C ASP A 263 -1.97 6.44 15.16
N SER A 264 -0.73 6.96 15.13
CA SER A 264 -0.38 8.24 14.54
C SER A 264 -0.75 8.32 13.07
N VAL A 265 -1.29 9.48 12.68
CA VAL A 265 -1.56 9.83 11.29
C VAL A 265 -0.83 11.14 11.03
N GLU A 266 0.14 11.14 10.11
CA GLU A 266 0.90 12.36 9.78
C GLU A 266 0.54 12.80 8.36
N CYS A 267 0.65 14.09 8.11
CA CYS A 267 0.28 14.67 6.84
C CYS A 267 1.44 15.50 6.28
N TYR A 268 1.85 15.23 5.02
CA TYR A 268 2.95 15.95 4.40
C TYR A 268 2.42 17.01 3.45
N ASP A 269 2.87 18.26 3.62
CA ASP A 269 2.50 19.35 2.74
C ASP A 269 3.71 19.59 1.84
N PRO A 270 3.58 19.37 0.54
CA PRO A 270 4.73 19.58 -0.36
C PRO A 270 5.15 21.05 -0.55
N ASP A 271 4.20 22.02 -0.38
CA ASP A 271 4.53 23.44 -0.55
C ASP A 271 5.49 23.91 0.53
N THR A 272 5.29 23.44 1.76
CA THR A 272 6.16 23.82 2.88
C THR A 272 7.21 22.76 3.21
N ASP A 273 7.13 21.55 2.59
CA ASP A 273 8.03 20.42 2.87
C ASP A 273 8.00 20.09 4.37
N THR A 274 6.78 19.96 4.93
CA THR A 274 6.64 19.68 6.35
C THR A 274 5.61 18.59 6.64
N TRP A 275 5.87 17.84 7.69
CA TRP A 275 4.94 16.82 8.17
C TRP A 275 4.30 17.38 9.44
N SER A 276 3.03 17.06 9.64
CA SER A 276 2.34 17.46 10.87
C SER A 276 1.41 16.32 11.28
N GLU A 277 1.34 16.03 12.58
CA GLU A 277 0.47 14.98 13.12
C GLU A 277 -0.92 15.56 13.14
N VAL A 278 -1.84 14.99 12.37
CA VAL A 278 -3.17 15.60 12.22
C VAL A 278 -4.29 14.91 12.98
N THR A 279 -4.14 13.64 13.32
CA THR A 279 -5.18 12.88 14.03
C THR A 279 -4.55 11.56 14.49
N ARG A 280 -5.35 10.74 15.13
CA ARG A 280 -4.97 9.40 15.47
C ARG A 280 -6.04 8.50 14.95
N MET A 281 -5.64 7.28 14.59
CA MET A 281 -6.59 6.23 14.26
C MET A 281 -7.27 5.83 15.60
N THR A 282 -8.48 5.28 15.53
CA THR A 282 -9.20 4.89 16.74
C THR A 282 -8.47 3.84 17.58
N SER A 283 -7.52 3.10 16.97
CA SER A 283 -6.68 2.15 17.69
C SER A 283 -5.41 1.92 16.85
N GLY A 284 -4.30 1.71 17.55
CA GLY A 284 -3.00 1.47 16.92
C GLY A 284 -2.99 0.17 16.14
N ARG A 285 -2.48 0.21 14.91
CA ARG A 285 -2.44 -0.96 14.04
C ARG A 285 -1.40 -0.77 12.95
N SER A 286 -0.93 -1.89 12.40
CA SER A 286 0.00 -1.88 11.28
C SER A 286 -0.61 -2.67 10.10
N GLY A 287 -0.01 -2.59 8.91
CA GLY A 287 -0.42 -3.42 7.78
C GLY A 287 -1.81 -3.19 7.22
N VAL A 288 -2.27 -1.95 7.26
CA VAL A 288 -3.59 -1.62 6.71
C VAL A 288 -3.50 -1.38 5.18
N GLY A 289 -4.65 -1.46 4.53
CA GLY A 289 -4.83 -1.04 3.14
C GLY A 289 -5.58 0.28 3.20
N VAL A 290 -5.18 1.27 2.36
CA VAL A 290 -5.78 2.60 2.39
CA VAL A 290 -5.87 2.55 2.38
C VAL A 290 -6.16 3.07 0.99
N ALA A 291 -7.24 3.83 0.87
CA ALA A 291 -7.60 4.45 -0.42
C ALA A 291 -8.53 5.63 -0.19
N VAL A 292 -8.64 6.52 -1.19
CA VAL A 292 -9.47 7.71 -1.07
C VAL A 292 -10.59 7.70 -2.08
N THR A 293 -11.81 7.97 -1.60
CA THR A 293 -12.95 8.13 -2.52
C THR A 293 -14.05 8.96 -1.86
C1 A1L99 B . 3.62 -4.62 4.71
C2 A1L99 B . 4.93 -4.98 4.96
C3 A1L99 B . 5.26 -5.81 6.03
C4 A1L99 B . 4.24 -6.35 6.80
C5 A1L99 B . 2.90 -5.99 6.56
C6 A1L99 B . 2.61 -5.13 5.50
C8 A1L99 B . 3.55 -7.96 8.44
C10 A1L99 B . 1.82 -6.55 7.43
C11 A1L99 B . 6.69 -6.18 6.29
C12 A1L99 B . 2.17 -6.44 9.85
C13 A1L99 B . 2.90 -6.90 11.07
C15 A1L99 B . 2.50 -8.05 11.76
O7 A1L99 B . 4.61 -7.20 7.82
N9 A1L99 B . 2.46 -7.02 8.67
O14 A1L99 B . 1.39 -5.51 9.96
C16 A1L99 B . 3.10 -8.42 12.94
C17 A1L99 B . 4.14 -7.66 13.47
C18 A1L99 B . 4.55 -6.50 12.81
C19 A1L99 B . 3.94 -6.15 11.61
CL20 A1L99 B . 4.47 -4.71 10.79
CL21 A1L99 B . 1.27 -9.06 11.07
N22 A1L99 B . 4.76 -8.04 14.70
C23 A1L99 B . 7.53 -6.57 5.26
C24 A1L99 B . 8.85 -6.89 5.47
C25 A1L99 B . 9.41 -6.72 6.75
C26 A1L99 B . 8.60 -6.26 7.81
C27 A1L99 B . 7.26 -5.97 7.54
C28 A1L99 B . 10.88 -7.02 6.91
O29 A1L99 B . 11.23 -7.68 7.89
O30 A1L99 B . 11.67 -6.55 6.05
N31 A1L99 B . 9.13 -6.05 9.12
F32 A1L99 B . 7.02 -6.82 4.04
C33 A1L99 B . 10.22 -5.09 9.31
C34 A1L99 B . 10.95 -5.38 10.62
O35 A1L99 B . 10.03 -5.21 11.72
C36 A1L99 B . 8.87 -6.05 11.56
C37 A1L99 B . 8.22 -5.71 10.23
C38 A1L99 B . 9.45 -3.78 9.37
C39 A1L99 B . 8.12 -4.18 10.08
C40 A1L99 B . 4.40 -9.13 15.63
C41 A1L99 B . 5.57 -8.49 16.48
C42 A1L99 B . 5.91 -7.42 15.37
C43 A1L99 B . 5.28 -8.04 17.93
C44 A1L99 B . 5.90 -9.36 18.38
C45 A1L99 B . 6.70 -9.37 17.08
O46 A1L99 B . 6.64 -9.33 19.57
C47 A1L99 B . 5.87 -9.14 20.76
C ACT C . 4.03 1.59 -22.43
O ACT C . 4.81 0.84 -23.07
OXT ACT C . 2.97 1.26 -21.88
CH3 ACT C . 4.35 3.07 -22.35
C ACT D . -4.37 -0.98 -18.32
O ACT D . -4.02 -1.93 -17.57
OXT ACT D . -5.53 -0.67 -18.70
CH3 ACT D . -3.25 -0.08 -18.83
C ACT E . 1.82 -20.10 -4.89
O ACT E . 1.72 -19.01 -4.30
OXT ACT E . 1.27 -21.19 -4.61
CH3 ACT E . 2.71 -20.14 -6.11
C ACT F . 2.81 -11.78 8.38
O ACT F . 2.44 -10.90 7.63
OXT ACT F . 2.35 -12.09 9.47
CH3 ACT F . 3.98 -12.63 7.90
C ACT G . 11.47 5.57 -15.53
O ACT G . 11.06 6.38 -14.64
OXT ACT G . 10.83 4.74 -16.27
CH3 ACT G . 12.97 5.55 -15.73
S DMS H . 11.59 1.18 -22.54
O DMS H . 11.06 2.04 -23.70
C1 DMS H . 10.47 -0.21 -22.42
C2 DMS H . 12.90 0.20 -23.24
C ACT I . 10.91 -0.04 -27.56
O ACT I . 10.91 1.21 -27.37
OXT ACT I . 10.16 -0.96 -27.07
CH3 ACT I . 11.98 -0.52 -28.52
C ACT J . -3.98 6.19 -14.91
O ACT J . -5.10 5.60 -14.99
OXT ACT J . -3.11 6.44 -15.81
CH3 ACT J . -3.61 6.66 -13.51
C ACT K . -7.09 -17.79 0.08
O ACT K . -7.65 -16.63 0.22
OXT ACT K . -6.53 -18.26 -0.94
CH3 ACT K . -7.07 -18.72 1.31
S DMS L . -21.91 -3.08 -6.06
O DMS L . -22.65 -2.14 -5.13
C1 DMS L . -20.18 -3.27 -5.57
C2 DMS L . -21.58 -2.15 -7.58
S DMS M . 10.83 -11.72 6.61
O DMS M . 9.77 -11.67 7.70
C1 DMS M . 10.67 -10.21 5.65
C2 DMS M . 12.42 -11.33 7.36
S DMS N . 6.30 -9.39 11.47
O DMS N . 7.23 -8.97 10.37
C1 DMS N . 7.28 -10.27 12.73
C2 DMS N . 5.34 -10.81 10.90
#